data_6AHS
#
_entry.id   6AHS
#
_cell.length_a   71.156
_cell.length_b   71.156
_cell.length_c   98.907
_cell.angle_alpha   90.00
_cell.angle_beta   90.00
_cell.angle_gamma   90.00
#
_symmetry.space_group_name_H-M   'P 43 21 2'
#
loop_
_entity.id
_entity.type
_entity.pdbx_description
1 polymer Kallikrein-7
2 non-polymer 1-[(2-chlorophenyl)sulfonyl]-5-methyl-3-[(4R)-2-methyl-4,5-dihydro-1H-imidazol-4-yl]-1H-indole
3 non-polymer 2-AMINO-2-HYDROXYMETHYL-PROPANE-1,3-DIOL
4 non-polymer 'CHLORIDE ION'
5 water water
#
_entity_poly.entity_id   1
_entity_poly.type   'polypeptide(L)'
_entity_poly.pdbx_seq_one_letter_code
;IIDGYKCKEGSHPWQVALLKGNQLHCGGVLVDKYWVLTAAHCKMGQYQVQLGSDKIGDQSAQKIKATKSFRHPGYSTKTH
VNDIMLVRLDEPVKMSSKVEAVQLPEHCEPPGTSCTVSGWGTTTSPDVTFPSDLMCSDVKLISSRECKKVYKDLLGKTML
CAGIPDSKTNTCNGDSGGPLVCNDTLQGLVSWGTYPCGQPNDPGVYTQVCKYKRWVMETMKTHR
;
_entity_poly.pdbx_strand_id   A
#
# COMPACT_ATOMS: atom_id res chain seq x y z
N ILE A 1 -1.82 10.59 3.61
CA ILE A 1 -0.84 11.19 2.64
C ILE A 1 -0.57 12.67 2.97
N ILE A 2 0.71 12.98 3.36
CA ILE A 2 1.16 14.34 3.59
C ILE A 2 1.53 15.06 2.31
N ASP A 3 1.01 16.29 2.15
CA ASP A 3 1.38 17.14 1.04
C ASP A 3 1.16 16.38 -0.28
N GLY A 4 -0.07 15.94 -0.48
CA GLY A 4 -0.48 15.22 -1.62
C GLY A 4 -1.55 15.99 -2.39
N TYR A 5 -2.21 15.27 -3.25
CA TYR A 5 -3.25 15.83 -4.13
C TYR A 5 -4.36 14.77 -4.20
N LYS A 6 -5.58 15.19 -4.51
CA LYS A 6 -6.62 14.22 -4.75
C LYS A 6 -6.32 13.44 -6.05
N CYS A 7 -6.27 12.11 -5.94
CA CYS A 7 -6.00 11.21 -7.06
C CYS A 7 -7.06 11.43 -8.10
N LYS A 8 -6.67 11.37 -9.34
CA LYS A 8 -7.57 11.57 -10.45
C LYS A 8 -8.58 10.44 -10.55
N GLU A 9 -9.84 10.80 -10.72
CA GLU A 9 -10.92 9.84 -10.96
C GLU A 9 -10.48 8.78 -11.96
N GLY A 10 -10.63 7.49 -11.62
CA GLY A 10 -10.33 6.35 -12.53
C GLY A 10 -8.88 5.89 -12.60
N SER A 11 -7.95 6.68 -12.10
CA SER A 11 -6.53 6.37 -12.23
C SER A 11 -6.02 5.30 -11.18
N HIS A 12 -6.85 5.00 -10.16
CA HIS A 12 -6.44 4.09 -9.09
C HIS A 12 -7.46 3.02 -8.80
N PRO A 13 -7.87 2.26 -9.85
CA PRO A 13 -9.02 1.34 -9.71
C PRO A 13 -8.67 0.10 -8.92
N TRP A 14 -7.41 -0.03 -8.53
CA TRP A 14 -6.98 -1.14 -7.75
C TRP A 14 -6.97 -0.80 -6.25
N GLN A 15 -7.11 0.48 -5.87
CA GLN A 15 -7.04 0.82 -4.43
C GLN A 15 -8.25 0.21 -3.73
N VAL A 16 -8.03 -0.41 -2.58
CA VAL A 16 -9.10 -0.74 -1.70
C VAL A 16 -8.84 -0.24 -0.31
N ALA A 17 -9.93 -0.05 0.42
CA ALA A 17 -9.84 0.24 1.88
C ALA A 17 -10.16 -1.00 2.64
N LEU A 18 -9.29 -1.33 3.61
CA LEU A 18 -9.61 -2.34 4.56
C LEU A 18 -10.19 -1.73 5.79
N LEU A 19 -11.47 -2.00 6.05
CA LEU A 19 -12.19 -1.38 7.13
C LEU A 19 -12.37 -2.31 8.31
N LYS A 20 -12.23 -1.74 9.50
CA LYS A 20 -12.62 -2.41 10.74
C LYS A 20 -14.00 -1.94 11.09
N GLY A 21 -15.00 -2.75 10.77
CA GLY A 21 -16.37 -2.30 10.82
C GLY A 21 -16.61 -1.28 9.70
N ASN A 22 -16.67 -0.01 10.07
CA ASN A 22 -16.86 1.07 9.11
C ASN A 22 -15.72 1.99 9.07
N GLN A 23 -14.72 1.72 9.89
CA GLN A 23 -13.68 2.67 10.02
C GLN A 23 -12.40 2.19 9.32
N LEU A 24 -11.69 3.13 8.72
CA LEU A 24 -10.44 2.86 7.99
C LEU A 24 -9.41 2.17 8.91
N HIS A 25 -8.91 1.05 8.48
CA HIS A 25 -7.82 0.39 9.16
C HIS A 25 -6.55 0.46 8.32
N CYS A 26 -6.63 0.14 7.00
CA CYS A 26 -5.43 0.16 6.14
C CYS A 26 -5.89 0.32 4.70
N GLY A 27 -4.98 0.60 3.84
CA GLY A 27 -5.20 0.54 2.37
C GLY A 27 -4.82 -0.85 1.92
N GLY A 28 -5.13 -1.17 0.67
CA GLY A 28 -4.70 -2.39 0.08
C GLY A 28 -4.88 -2.31 -1.43
N VAL A 29 -4.47 -3.34 -2.12
CA VAL A 29 -4.45 -3.28 -3.57
C VAL A 29 -4.93 -4.54 -4.21
N LEU A 30 -5.93 -4.37 -5.07
CA LEU A 30 -6.50 -5.49 -5.73
C LEU A 30 -5.59 -6.11 -6.73
N VAL A 31 -5.37 -7.41 -6.59
CA VAL A 31 -4.54 -8.12 -7.55
C VAL A 31 -5.27 -9.15 -8.45
N ASP A 32 -6.50 -9.43 -8.13
CA ASP A 32 -7.25 -10.43 -8.77
C ASP A 32 -8.68 -10.18 -8.32
N LYS A 33 -9.67 -10.79 -8.98
CA LYS A 33 -11.07 -10.62 -8.55
C LYS A 33 -11.31 -11.01 -7.09
N TYR A 34 -10.49 -11.95 -6.57
CA TYR A 34 -10.69 -12.61 -5.31
C TYR A 34 -9.66 -12.20 -4.27
N TRP A 35 -8.69 -11.44 -4.68
CA TRP A 35 -7.48 -11.25 -3.85
C TRP A 35 -7.04 -9.83 -3.69
N VAL A 36 -6.72 -9.45 -2.45
CA VAL A 36 -6.13 -8.17 -2.13
C VAL A 36 -4.78 -8.38 -1.51
N LEU A 37 -3.82 -7.55 -1.90
CA LEU A 37 -2.47 -7.50 -1.29
C LEU A 37 -2.33 -6.26 -0.38
N THR A 38 -1.73 -6.44 0.79
CA THR A 38 -1.60 -5.39 1.76
C THR A 38 -0.41 -5.71 2.66
N ALA A 39 -0.23 -4.93 3.72
CA ALA A 39 0.90 -5.19 4.61
C ALA A 39 0.50 -6.25 5.64
N ALA A 40 1.47 -7.02 6.09
CA ALA A 40 1.22 -8.00 7.15
C ALA A 40 0.73 -7.31 8.45
N HIS A 41 1.18 -6.09 8.71
CA HIS A 41 0.86 -5.40 9.98
C HIS A 41 -0.60 -4.93 10.02
N CYS A 42 -1.26 -5.05 8.89
CA CYS A 42 -2.65 -4.71 8.81
C CYS A 42 -3.66 -5.85 9.17
N LYS A 43 -3.14 -7.03 9.40
CA LYS A 43 -3.95 -8.18 9.69
C LYS A 43 -4.98 -7.99 10.80
N MET A 44 -6.18 -8.46 10.49
CA MET A 44 -7.28 -8.57 11.44
C MET A 44 -7.99 -9.90 11.23
N GLY A 45 -8.80 -10.29 12.19
CA GLY A 45 -9.62 -11.50 12.03
C GLY A 45 -10.60 -11.40 10.85
N GLN A 46 -11.13 -10.22 10.64
CA GLN A 46 -11.94 -9.98 9.43
C GLN A 46 -11.89 -8.57 9.01
N TYR A 47 -12.33 -8.30 7.78
CA TYR A 47 -12.25 -7.00 7.23
C TYR A 47 -13.53 -6.81 6.46
N GLN A 48 -13.96 -5.57 6.32
CA GLN A 48 -14.80 -5.19 5.22
C GLN A 48 -13.96 -4.42 4.21
N VAL A 49 -14.01 -4.88 2.96
CA VAL A 49 -13.13 -4.38 1.95
C VAL A 49 -13.93 -3.48 1.05
N GLN A 50 -13.63 -2.18 1.06
CA GLN A 50 -14.29 -1.25 0.16
C GLN A 50 -13.59 -1.15 -1.18
N LEU A 51 -14.34 -1.38 -2.26
CA LEU A 51 -13.78 -1.28 -3.61
C LEU A 51 -14.55 -0.29 -4.49
N GLY A 52 -13.86 0.22 -5.51
CA GLY A 52 -14.55 0.98 -6.60
C GLY A 52 -15.01 2.38 -6.23
N SER A 53 -14.33 3.03 -5.27
CA SER A 53 -14.57 4.45 -5.06
C SER A 53 -13.34 5.15 -4.53
N ASP A 54 -13.21 6.41 -4.90
CA ASP A 54 -12.22 7.31 -4.26
C ASP A 54 -12.63 7.88 -2.95
N LYS A 55 -13.87 7.67 -2.53
CA LYS A 55 -14.36 8.27 -1.29
C LYS A 55 -14.42 7.25 -0.15
N ILE A 56 -13.78 7.51 0.97
CA ILE A 56 -13.78 6.50 2.04
C ILE A 56 -15.13 6.46 2.77
N GLY A 57 -15.67 5.23 2.94
CA GLY A 57 -16.94 5.05 3.59
C GLY A 57 -18.09 5.40 2.66
N ASP A 58 -17.81 5.38 1.37
CA ASP A 58 -18.84 5.65 0.33
C ASP A 58 -19.91 4.57 0.42
N GLN A 59 -21.15 5.00 0.57
CA GLN A 59 -22.26 4.10 0.74
C GLN A 59 -22.67 3.39 -0.51
N SER A 60 -22.19 3.86 -1.65
CA SER A 60 -22.55 3.26 -2.94
C SER A 60 -21.56 2.27 -3.40
N ALA A 61 -20.40 2.28 -2.80
CA ALA A 61 -19.30 1.43 -3.21
C ALA A 61 -19.56 -0.03 -2.77
N GLN A 62 -19.00 -0.96 -3.54
CA GLN A 62 -19.05 -2.32 -3.13
C GLN A 62 -18.24 -2.55 -1.89
N LYS A 63 -18.80 -3.33 -0.98
CA LYS A 63 -18.14 -3.75 0.21
C LYS A 63 -18.24 -5.30 0.25
N ILE A 64 -17.10 -5.95 0.35
CA ILE A 64 -17.01 -7.40 0.43
C ILE A 64 -16.27 -7.79 1.71
N LYS A 65 -16.86 -8.69 2.45
CA LYS A 65 -16.24 -9.14 3.65
C LYS A 65 -15.05 -10.09 3.33
N ALA A 66 -14.10 -10.17 4.23
CA ALA A 66 -12.98 -11.08 4.07
C ALA A 66 -12.56 -11.54 5.43
N THR A 67 -12.24 -12.83 5.54
CA THR A 67 -11.91 -13.40 6.80
C THR A 67 -10.67 -14.30 6.75
N LYS A 68 -10.07 -14.51 5.58
CA LYS A 68 -8.82 -15.30 5.46
C LYS A 68 -7.67 -14.45 5.01
N SER A 69 -6.62 -14.48 5.82
CA SER A 69 -5.40 -13.74 5.52
C SER A 69 -4.25 -14.76 5.41
N PHE A 70 -3.23 -14.36 4.66
CA PHE A 70 -2.09 -15.15 4.37
C PHE A 70 -0.89 -14.26 4.42
N ARG A 71 -0.35 -14.08 5.63
CA ARG A 71 0.96 -13.43 5.77
C ARG A 71 2.07 -14.22 5.18
N HIS A 72 3.10 -13.51 4.75
CA HIS A 72 4.34 -14.10 4.50
C HIS A 72 4.93 -14.63 5.85
N PRO A 73 5.39 -15.86 5.87
CA PRO A 73 5.72 -16.50 7.15
C PRO A 73 6.84 -15.81 7.86
N GLY A 74 7.60 -14.98 7.15
CA GLY A 74 8.83 -14.36 7.71
C GLY A 74 8.55 -13.04 8.36
N TYR A 75 7.29 -12.62 8.37
CA TYR A 75 6.90 -11.31 8.89
C TYR A 75 7.38 -11.17 10.32
N SER A 76 8.03 -10.06 10.60
CA SER A 76 8.52 -9.77 11.91
C SER A 76 7.83 -8.57 12.57
N THR A 77 7.39 -8.76 13.81
CA THR A 77 6.81 -7.68 14.56
C THR A 77 7.86 -6.88 15.20
N LYS A 78 9.10 -7.35 15.16
CA LYS A 78 10.22 -6.63 15.76
C LYS A 78 11.01 -5.82 14.74
N THR A 79 11.38 -6.44 13.63
CA THR A 79 12.23 -5.78 12.66
C THR A 79 11.43 -5.32 11.43
N HIS A 80 10.18 -5.78 11.30
CA HIS A 80 9.27 -5.33 10.24
C HIS A 80 9.60 -5.85 8.87
N VAL A 81 10.55 -6.76 8.78
CA VAL A 81 10.80 -7.44 7.49
C VAL A 81 9.62 -8.29 7.03
N ASN A 82 9.51 -8.51 5.73
CA ASN A 82 8.38 -9.31 5.16
C ASN A 82 6.98 -8.80 5.52
N ASP A 83 6.79 -7.49 5.45
CA ASP A 83 5.58 -6.91 5.81
C ASP A 83 4.61 -6.99 4.61
N ILE A 84 4.10 -8.18 4.31
CA ILE A 84 3.28 -8.40 3.12
C ILE A 84 2.24 -9.51 3.37
N MET A 85 1.04 -9.35 2.86
CA MET A 85 -0.02 -10.27 3.18
C MET A 85 -0.98 -10.31 2.05
N LEU A 86 -1.52 -11.47 1.79
CA LEU A 86 -2.69 -11.56 0.86
C LEU A 86 -3.96 -11.81 1.67
N VAL A 87 -5.08 -11.25 1.20
CA VAL A 87 -6.33 -11.39 1.84
C VAL A 87 -7.30 -11.92 0.78
N ARG A 88 -8.02 -13.02 1.10
CA ARG A 88 -8.99 -13.63 0.15
C ARG A 88 -10.38 -13.04 0.44
N LEU A 89 -11.01 -12.53 -0.59
CA LEU A 89 -12.36 -12.03 -0.46
C LEU A 89 -13.42 -13.15 -0.39
N ASP A 90 -14.47 -12.93 0.38
CA ASP A 90 -15.57 -13.93 0.53
C ASP A 90 -16.27 -14.14 -0.81
N GLU A 91 -16.31 -13.08 -1.57
CA GLU A 91 -16.98 -13.06 -2.90
C GLU A 91 -16.11 -12.35 -3.92
N PRO A 92 -16.20 -12.73 -5.23
CA PRO A 92 -15.38 -11.99 -6.18
C PRO A 92 -15.91 -10.63 -6.57
N VAL A 93 -15.02 -9.69 -6.83
CA VAL A 93 -15.47 -8.38 -7.21
C VAL A 93 -15.72 -8.32 -8.69
N LYS A 94 -16.72 -7.56 -9.09
CA LYS A 94 -16.90 -7.36 -10.54
C LYS A 94 -16.10 -6.17 -11.07
N MET A 95 -15.39 -6.36 -12.17
CA MET A 95 -14.52 -5.30 -12.70
C MET A 95 -15.34 -4.23 -13.49
N SER A 96 -14.80 -3.01 -13.55
CA SER A 96 -15.51 -1.85 -14.11
C SER A 96 -14.51 -0.74 -14.32
N SER A 97 -14.99 0.43 -14.70
CA SER A 97 -14.08 1.58 -14.80
C SER A 97 -13.52 1.94 -13.47
N LYS A 98 -14.15 1.44 -12.41
CA LYS A 98 -13.74 1.85 -11.04
C LYS A 98 -13.02 0.78 -10.32
N VAL A 99 -13.08 -0.43 -10.84
CA VAL A 99 -12.48 -1.59 -10.19
C VAL A 99 -11.64 -2.43 -11.18
N GLU A 100 -10.36 -2.59 -10.88
CA GLU A 100 -9.43 -3.31 -11.79
C GLU A 100 -8.18 -3.71 -11.01
N ALA A 101 -7.63 -4.91 -11.27
CA ALA A 101 -6.39 -5.32 -10.58
C ALA A 101 -5.24 -4.54 -11.09
N VAL A 102 -4.29 -4.31 -10.21
CA VAL A 102 -3.05 -3.72 -10.59
C VAL A 102 -2.17 -4.79 -11.29
N GLN A 103 -1.22 -4.35 -12.07
CA GLN A 103 -0.27 -5.24 -12.67
C GLN A 103 0.84 -5.52 -11.70
N LEU A 104 1.08 -6.81 -11.37
CA LEU A 104 2.22 -7.20 -10.54
C LEU A 104 3.55 -7.12 -11.31
N PRO A 105 4.64 -6.79 -10.61
CA PRO A 105 5.89 -6.43 -11.29
C PRO A 105 6.55 -7.64 -11.88
N GLU A 106 7.21 -7.48 -13.00
CA GLU A 106 8.08 -8.54 -13.49
C GLU A 106 9.53 -8.28 -13.13
N HIS A 107 9.90 -7.02 -13.00
CA HIS A 107 11.23 -6.68 -12.57
C HIS A 107 11.19 -5.60 -11.48
N CYS A 108 12.32 -5.38 -10.83
CA CYS A 108 12.47 -4.34 -9.83
C CYS A 108 12.86 -3.03 -10.50
N GLU A 109 12.08 -1.98 -10.30
CA GLU A 109 12.39 -0.70 -10.87
C GLU A 109 13.57 -0.10 -10.08
N PRO A 110 14.44 0.67 -10.75
CA PRO A 110 15.69 1.10 -10.09
C PRO A 110 15.53 2.43 -9.37
N PRO A 111 16.55 2.83 -8.64
CA PRO A 111 16.50 4.15 -8.01
C PRO A 111 16.30 5.29 -9.02
N GLY A 112 15.53 6.30 -8.64
CA GLY A 112 15.29 7.45 -9.46
C GLY A 112 13.98 7.32 -10.25
N THR A 113 13.40 6.13 -10.23
CA THR A 113 12.12 5.85 -10.98
C THR A 113 10.95 6.63 -10.33
N SER A 114 10.12 7.29 -11.14
CA SER A 114 8.98 8.07 -10.65
C SER A 114 7.83 7.15 -10.33
N CYS A 115 7.24 7.37 -9.17
CA CYS A 115 6.14 6.53 -8.67
C CYS A 115 5.06 7.38 -8.05
N THR A 116 3.91 6.73 -7.74
CA THR A 116 2.86 7.35 -7.00
C THR A 116 2.32 6.38 -5.96
N VAL A 117 2.11 6.91 -4.76
CA VAL A 117 1.51 6.18 -3.64
C VAL A 117 0.19 6.85 -3.30
N SER A 118 -0.84 6.04 -2.92
CA SER A 118 -2.18 6.54 -2.63
C SER A 118 -2.72 5.99 -1.34
N GLY A 119 -3.54 6.78 -0.68
CA GLY A 119 -4.24 6.34 0.54
C GLY A 119 -5.11 7.37 1.20
N TRP A 120 -5.95 6.88 2.13
CA TRP A 120 -6.89 7.69 2.87
C TRP A 120 -6.33 8.09 4.25
N GLY A 121 -5.04 7.86 4.42
CA GLY A 121 -4.41 8.21 5.68
C GLY A 121 -4.45 9.69 5.97
N THR A 122 -3.94 10.05 7.16
CA THR A 122 -4.00 11.40 7.60
C THR A 122 -3.12 12.32 6.71
N THR A 123 -3.53 13.56 6.59
CA THR A 123 -2.88 14.54 5.73
C THR A 123 -2.04 15.51 6.59
N THR A 124 -2.06 15.28 7.88
CA THR A 124 -1.29 16.03 8.83
C THR A 124 -0.71 15.11 9.87
N SER A 125 0.33 15.56 10.54
CA SER A 125 0.95 14.73 11.62
C SER A 125 1.79 15.64 12.45
N PRO A 126 1.72 15.52 13.78
CA PRO A 126 1.13 14.37 14.49
C PRO A 126 -0.36 14.54 14.82
N ASP A 127 -0.86 15.75 14.76
CA ASP A 127 -2.30 16.02 14.77
C ASP A 127 -2.95 15.39 13.51
N VAL A 128 -3.97 14.57 13.65
CA VAL A 128 -4.45 13.79 12.46
C VAL A 128 -5.64 14.50 11.85
N THR A 129 -5.75 14.42 10.53
CA THR A 129 -6.88 14.94 9.79
C THR A 129 -7.12 13.92 8.69
N PHE A 130 -8.23 13.18 8.76
CA PHE A 130 -8.52 12.16 7.79
C PHE A 130 -9.38 12.65 6.63
N PRO A 131 -8.94 12.38 5.40
CA PRO A 131 -9.70 12.95 4.28
C PRO A 131 -10.85 12.05 3.85
N SER A 132 -11.75 12.59 3.01
CA SER A 132 -12.73 11.77 2.30
C SER A 132 -12.12 11.15 1.03
N ASP A 133 -11.50 12.00 0.24
CA ASP A 133 -11.00 11.64 -1.10
C ASP A 133 -9.64 10.90 -0.98
N LEU A 134 -9.46 9.91 -1.82
CA LEU A 134 -8.20 9.20 -1.96
C LEU A 134 -7.13 10.17 -2.37
N MET A 135 -6.06 10.28 -1.57
CA MET A 135 -4.99 11.21 -1.85
C MET A 135 -3.79 10.48 -2.49
N CYS A 136 -3.00 11.23 -3.26
CA CYS A 136 -1.82 10.70 -3.98
C CYS A 136 -0.58 11.53 -3.68
N SER A 137 0.57 10.88 -3.69
CA SER A 137 1.84 11.56 -3.55
C SER A 137 2.75 11.03 -4.63
N ASP A 138 3.43 11.90 -5.33
CA ASP A 138 4.40 11.49 -6.29
C ASP A 138 5.80 11.44 -5.62
N VAL A 139 6.44 10.27 -5.68
CA VAL A 139 7.73 10.05 -5.03
C VAL A 139 8.64 9.27 -5.96
N LYS A 140 9.96 9.30 -5.70
CA LYS A 140 10.89 8.55 -6.51
C LYS A 140 11.56 7.51 -5.64
N LEU A 141 11.97 6.43 -6.26
CA LEU A 141 12.69 5.38 -5.49
C LEU A 141 14.06 5.87 -5.05
N ILE A 142 14.45 5.54 -3.84
CA ILE A 142 15.77 5.90 -3.32
C ILE A 142 16.58 4.62 -3.17
N SER A 143 17.89 4.65 -3.47
CA SER A 143 18.66 3.42 -3.36
C SER A 143 18.80 3.08 -1.88
N SER A 144 19.08 1.81 -1.62
CA SER A 144 19.44 1.35 -0.28
C SER A 144 20.50 2.18 0.34
N ARG A 145 21.58 2.40 -0.39
CA ARG A 145 22.70 3.08 0.18
C ARG A 145 22.33 4.47 0.66
N GLU A 146 21.50 5.19 -0.08
CA GLU A 146 21.10 6.52 0.33
C GLU A 146 20.13 6.45 1.47
N CYS A 147 19.23 5.45 1.39
CA CYS A 147 18.23 5.28 2.44
C CYS A 147 18.85 4.87 3.77
N LYS A 148 19.91 4.13 3.71
CA LYS A 148 20.66 3.75 4.92
C LYS A 148 21.29 4.87 5.67
N LYS A 149 21.52 5.99 5.00
CA LYS A 149 22.04 7.16 5.69
C LYS A 149 21.03 7.71 6.71
N VAL A 150 19.75 7.45 6.47
CA VAL A 150 18.69 7.83 7.38
C VAL A 150 18.31 6.72 8.37
N TYR A 151 18.16 5.49 7.87
CA TYR A 151 17.60 4.41 8.66
C TYR A 151 18.60 3.36 9.14
N LYS A 152 19.78 3.31 8.53
CA LYS A 152 20.90 2.49 9.02
C LYS A 152 20.53 1.00 9.08
N ASP A 153 20.68 0.40 10.25
CA ASP A 153 20.47 -1.04 10.35
C ASP A 153 18.97 -1.45 10.29
N LEU A 154 18.06 -0.48 10.30
CA LEU A 154 16.65 -0.77 10.35
C LEU A 154 16.13 -1.25 9.01
N LEU A 155 16.88 -0.94 7.95
CA LEU A 155 16.47 -1.32 6.60
C LEU A 155 16.86 -2.71 6.26
N GLY A 156 15.91 -3.48 5.75
CA GLY A 156 16.17 -4.83 5.34
C GLY A 156 16.34 -4.92 3.82
N LYS A 157 16.73 -6.09 3.37
CA LYS A 157 17.06 -6.34 1.97
C LYS A 157 15.87 -6.24 1.06
N THR A 158 14.67 -6.35 1.60
CA THR A 158 13.45 -6.29 0.74
C THR A 158 12.55 -5.17 1.12
N MET A 159 13.13 -4.17 1.76
CA MET A 159 12.47 -2.91 1.93
C MET A 159 12.89 -1.96 0.80
N LEU A 160 12.03 -1.05 0.50
CA LEU A 160 12.19 -0.17 -0.63
C LEU A 160 11.85 1.24 -0.20
N CYS A 161 12.79 2.20 -0.35
CA CYS A 161 12.56 3.56 0.06
C CYS A 161 12.11 4.43 -1.13
N ALA A 162 11.29 5.45 -0.82
CA ALA A 162 10.84 6.45 -1.79
C ALA A 162 10.52 7.79 -1.10
N GLY A 163 10.81 8.87 -1.80
CA GLY A 163 10.47 10.19 -1.36
C GLY A 163 10.86 11.19 -2.40
N ILE A 164 10.79 12.48 -2.03
CA ILE A 164 11.38 13.56 -2.84
C ILE A 164 12.30 14.37 -1.93
N PRO A 165 13.50 14.71 -2.44
CA PRO A 165 14.50 15.44 -1.61
C PRO A 165 13.91 16.74 -1.13
N ASP A 166 14.07 17.01 0.14
CA ASP A 166 13.61 18.28 0.71
C ASP A 166 12.13 18.56 0.66
N SER A 167 11.30 17.51 0.46
CA SER A 167 9.87 17.69 0.41
C SER A 167 9.22 16.86 1.51
N LYS A 168 8.04 17.31 1.93
CA LYS A 168 7.27 16.63 2.94
C LYS A 168 6.37 15.53 2.39
N THR A 169 6.19 15.51 1.07
CA THR A 169 5.21 14.61 0.42
C THR A 169 5.49 13.13 0.75
N ASN A 170 4.55 12.47 1.38
CA ASN A 170 4.85 11.15 1.98
C ASN A 170 3.62 10.48 2.52
N THR A 171 3.80 9.24 2.94
CA THR A 171 2.77 8.45 3.58
C THR A 171 2.63 8.76 5.08
N CYS A 172 1.51 8.35 5.65
CA CYS A 172 1.25 8.49 7.06
C CYS A 172 0.15 7.50 7.59
N ASN A 173 -0.15 7.54 8.91
CA ASN A 173 -1.12 6.64 9.53
C ASN A 173 -2.37 6.49 8.68
N GLY A 174 -2.77 5.26 8.39
CA GLY A 174 -3.95 4.92 7.57
C GLY A 174 -3.63 4.59 6.12
N ASP A 175 -2.47 5.04 5.66
CA ASP A 175 -1.95 4.71 4.35
C ASP A 175 -1.37 3.27 4.27
N SER A 176 -0.92 2.72 5.40
CA SER A 176 -0.38 1.33 5.49
C SER A 176 -1.04 0.38 4.59
N GLY A 177 -0.25 -0.43 3.89
CA GLY A 177 -0.77 -1.52 3.06
C GLY A 177 -1.19 -1.05 1.66
N GLY A 178 -1.13 0.24 1.43
CA GLY A 178 -1.53 0.79 0.09
C GLY A 178 -0.39 0.62 -0.94
N PRO A 179 -0.68 0.91 -2.20
CA PRO A 179 0.11 0.68 -3.37
C PRO A 179 1.08 1.83 -3.70
N LEU A 180 2.32 1.46 -3.97
CA LEU A 180 3.30 2.31 -4.62
C LEU A 180 3.52 1.78 -6.04
N VAL A 181 2.97 2.51 -7.01
CA VAL A 181 2.97 2.10 -8.43
C VAL A 181 3.97 2.95 -9.24
N CYS A 182 4.94 2.29 -9.90
CA CYS A 182 5.94 2.90 -10.76
C CYS A 182 5.89 2.26 -12.18
N ASN A 183 5.92 3.08 -13.21
CA ASN A 183 5.89 2.58 -14.59
C ASN A 183 4.86 1.47 -14.76
N ASP A 184 3.66 1.70 -14.25
CA ASP A 184 2.51 0.83 -14.46
C ASP A 184 2.54 -0.52 -13.73
N THR A 185 3.48 -0.73 -12.77
CA THR A 185 3.49 -1.95 -11.97
C THR A 185 3.56 -1.60 -10.48
N LEU A 186 2.99 -2.48 -9.67
CA LEU A 186 3.07 -2.41 -8.23
C LEU A 186 4.49 -2.68 -7.77
N GLN A 187 5.15 -1.67 -7.24
CA GLN A 187 6.55 -1.84 -6.79
C GLN A 187 6.66 -1.84 -5.27
N GLY A 188 5.64 -1.32 -4.58
CA GLY A 188 5.69 -1.23 -3.08
C GLY A 188 4.35 -1.33 -2.41
N LEU A 189 4.37 -1.71 -1.14
CA LEU A 189 3.26 -1.62 -0.23
C LEU A 189 3.66 -0.76 0.92
N VAL A 190 2.79 0.17 1.31
CA VAL A 190 3.22 1.15 2.33
C VAL A 190 3.51 0.38 3.67
N SER A 191 4.69 0.58 4.28
CA SER A 191 5.05 -0.21 5.46
C SER A 191 5.28 0.63 6.72
N TRP A 192 6.23 1.53 6.64
CA TRP A 192 6.48 2.44 7.67
C TRP A 192 7.26 3.70 7.21
N GLY A 193 7.66 4.52 8.17
CA GLY A 193 8.45 5.75 7.90
C GLY A 193 8.84 6.34 9.24
N THR A 194 9.10 7.64 9.29
CA THR A 194 9.41 8.28 10.56
C THR A 194 8.20 9.03 11.04
N TYR A 195 8.06 9.08 12.33
CA TYR A 195 6.94 9.76 12.94
C TYR A 195 7.51 10.89 13.79
N PRO A 196 6.94 12.11 13.74
CA PRO A 196 5.81 12.44 12.88
C PRO A 196 6.12 12.32 11.39
N CYS A 197 5.08 12.16 10.63
CA CYS A 197 5.19 11.92 9.19
C CYS A 197 5.62 13.17 8.45
N GLY A 198 6.18 13.01 7.26
CA GLY A 198 6.27 14.11 6.34
C GLY A 198 7.35 15.09 6.76
N GLN A 199 8.38 14.56 7.39
CA GLN A 199 9.61 15.35 7.63
C GLN A 199 10.47 15.25 6.39
N PRO A 200 10.91 16.39 5.84
CA PRO A 200 11.78 16.35 4.66
C PRO A 200 12.99 15.46 4.85
N ASN A 201 13.30 14.68 3.85
CA ASN A 201 14.46 13.80 3.86
C ASN A 201 14.36 12.63 4.86
N ASP A 202 13.12 12.26 5.21
CA ASP A 202 12.82 10.96 5.83
C ASP A 202 12.04 10.12 4.87
N PRO A 203 12.69 9.16 4.18
CA PRO A 203 11.94 8.49 3.12
C PRO A 203 10.84 7.61 3.69
N GLY A 204 9.76 7.41 2.92
CA GLY A 204 8.82 6.35 3.24
C GLY A 204 9.43 4.99 2.95
N VAL A 205 9.13 4.00 3.81
CA VAL A 205 9.58 2.63 3.64
C VAL A 205 8.40 1.72 3.19
N TYR A 206 8.68 0.93 2.17
CA TYR A 206 7.71 0.05 1.54
C TYR A 206 8.24 -1.38 1.51
N THR A 207 7.34 -2.35 1.44
CA THR A 207 7.72 -3.68 1.06
C THR A 207 7.92 -3.78 -0.43
N GLN A 208 9.07 -4.27 -0.82
CA GLN A 208 9.50 -4.33 -2.21
C GLN A 208 8.88 -5.50 -2.94
N VAL A 209 7.81 -5.24 -3.70
CA VAL A 209 6.95 -6.28 -4.18
C VAL A 209 7.64 -7.24 -5.19
N CYS A 210 8.65 -6.75 -5.91
CA CYS A 210 9.32 -7.53 -6.96
C CYS A 210 10.11 -8.67 -6.34
N LYS A 211 10.33 -8.60 -5.02
CA LYS A 211 11.12 -9.65 -4.32
C LYS A 211 10.21 -10.74 -3.81
N TYR A 212 8.90 -10.61 -4.05
CA TYR A 212 7.93 -11.58 -3.54
C TYR A 212 7.05 -12.15 -4.63
N LYS A 213 7.53 -12.13 -5.88
CA LYS A 213 6.73 -12.61 -7.04
C LYS A 213 6.30 -14.05 -6.89
N ARG A 214 7.25 -14.91 -6.50
CA ARG A 214 6.98 -16.35 -6.36
C ARG A 214 5.98 -16.61 -5.27
N TRP A 215 6.19 -15.99 -4.12
CA TRP A 215 5.30 -16.15 -3.01
C TRP A 215 3.86 -15.69 -3.28
N VAL A 216 3.73 -14.53 -3.89
CA VAL A 216 2.42 -14.02 -4.27
C VAL A 216 1.73 -14.98 -5.22
N MET A 217 2.44 -15.44 -6.24
CA MET A 217 1.78 -16.33 -7.24
C MET A 217 1.43 -17.71 -6.70
N GLU A 218 2.33 -18.28 -5.89
CA GLU A 218 2.11 -19.55 -5.22
C GLU A 218 0.96 -19.53 -4.26
N THR A 219 0.92 -18.52 -3.41
CA THR A 219 -0.10 -18.40 -2.43
C THR A 219 -1.49 -18.27 -3.11
N MET A 220 -1.56 -17.58 -4.28
CA MET A 220 -2.84 -17.35 -5.02
C MET A 220 -3.30 -18.47 -5.94
N LYS A 221 -2.46 -19.48 -6.12
CA LYS A 221 -2.72 -20.50 -7.16
C LYS A 221 -4.13 -21.09 -6.98
N THR A 222 -4.80 -21.24 -8.09
CA THR A 222 -6.16 -21.77 -8.11
C THR A 222 -6.17 -23.18 -8.75
N HIS A 223 -5.02 -23.59 -9.33
CA HIS A 223 -4.86 -24.90 -9.98
C HIS A 223 -3.63 -25.65 -9.43
N ARG A 224 -3.26 -26.73 -10.10
CA ARG A 224 -2.08 -27.53 -9.71
C ARG A 224 -0.80 -26.68 -9.91
#